data_8B4U
#
_entry.id   8B4U
#
_cell.length_a   79.292
_cell.length_b   79.292
_cell.length_c   171.546
_cell.angle_alpha   90.000
_cell.angle_beta   90.000
_cell.angle_gamma   120.000
#
_symmetry.space_group_name_H-M   'P 61 2 2'
#
loop_
_entity.id
_entity.type
_entity.pdbx_description
1 polymer 'Alpha/beta hydrolase'
2 non-polymer 1,2-ETHANEDIOL
3 non-polymer 'PHOSPHATE ION'
4 non-polymer 'CHLORIDE ION'
5 water water
#
_entity_poly.entity_id   1
_entity_poly.type   'polypeptide(L)'
_entity_poly.pdbx_seq_one_letter_code
;MIKPVTFMSEGEQIIGVLHVPDDLRGDKRAPAIAMFHGFTGNKSEAHRLFVHVARSLCNDGFVVLRFDFRGSGDSDGEFE
DMTVPGEVCDASRSIDFLSELNFVDSERIGVLGLSMGGRVAAILASKDRRIKFVILYSAALTPLRRKFLEGLEKESIRRL
EMGEAVHVGNGWYLKKGFFETVDSIVPLDVLDRIRVPVLIIHGDSDSVIPLDGALKGYEIIRDLNDKNELYIVRGGDHVF
TRREHTIEVIERTLDWLRSLNLVDKLAAALEHHHHHH
;
_entity_poly.pdbx_strand_id   A
#
# COMPACT_ATOMS: atom_id res chain seq x y z
N MET A 1 4.87 -17.19 12.25
CA MET A 1 5.93 -17.61 11.27
C MET A 1 6.15 -16.47 10.27
N ILE A 2 7.43 -16.17 10.01
CA ILE A 2 7.84 -15.17 9.04
C ILE A 2 8.84 -15.82 8.09
N LYS A 3 8.54 -15.78 6.80
CA LYS A 3 9.47 -16.37 5.86
C LYS A 3 9.58 -15.53 4.58
N PRO A 4 10.78 -15.44 4.03
CA PRO A 4 10.93 -14.73 2.76
C PRO A 4 10.27 -15.50 1.62
N VAL A 5 9.82 -14.76 0.61
CA VAL A 5 9.21 -15.37 -0.57
C VAL A 5 9.67 -14.61 -1.79
N THR A 6 9.50 -15.23 -2.96
CA THR A 6 9.77 -14.57 -4.24
C THR A 6 8.65 -14.87 -5.23
N PHE A 7 8.45 -13.95 -6.18
CA PHE A 7 7.57 -14.20 -7.32
C PHE A 7 8.00 -13.27 -8.43
N MET A 8 7.52 -13.54 -9.63
N MET A 8 7.52 -13.52 -9.63
CA MET A 8 7.91 -12.78 -10.81
CA MET A 8 7.94 -12.76 -10.80
C MET A 8 6.83 -11.75 -11.13
C MET A 8 6.85 -11.79 -11.20
N SER A 9 7.27 -10.60 -11.64
CA SER A 9 6.36 -9.57 -12.14
C SER A 9 7.10 -8.85 -13.26
N GLU A 10 6.44 -8.71 -14.41
CA GLU A 10 6.98 -8.03 -15.57
C GLU A 10 8.40 -8.53 -15.87
N GLY A 11 8.57 -9.86 -15.78
CA GLY A 11 9.80 -10.50 -16.20
C GLY A 11 10.94 -10.44 -15.19
N GLU A 12 10.68 -9.97 -13.96
CA GLU A 12 11.72 -9.70 -12.98
C GLU A 12 11.30 -10.24 -11.62
N GLN A 13 12.27 -10.57 -10.78
CA GLN A 13 11.99 -11.08 -9.46
C GLN A 13 11.62 -10.00 -8.47
N ILE A 14 10.60 -10.29 -7.67
CA ILE A 14 10.22 -9.54 -6.49
C ILE A 14 10.54 -10.41 -5.28
N ILE A 15 11.11 -9.78 -4.27
CA ILE A 15 11.34 -10.41 -2.98
C ILE A 15 10.39 -9.83 -1.94
N GLY A 16 9.81 -10.70 -1.14
CA GLY A 16 8.94 -10.22 -0.10
C GLY A 16 9.08 -11.05 1.16
N VAL A 17 8.21 -10.77 2.12
N VAL A 17 8.20 -10.79 2.12
CA VAL A 17 8.17 -11.49 3.38
CA VAL A 17 8.20 -11.53 3.38
C VAL A 17 6.72 -11.84 3.68
C VAL A 17 6.75 -11.83 3.73
N LEU A 18 6.48 -13.07 4.14
CA LEU A 18 5.15 -13.57 4.38
C LEU A 18 5.03 -13.86 5.87
N HIS A 19 4.02 -13.26 6.50
CA HIS A 19 3.66 -13.52 7.89
C HIS A 19 2.49 -14.51 7.91
N VAL A 20 2.66 -15.62 8.60
CA VAL A 20 1.66 -16.67 8.65
C VAL A 20 1.34 -16.90 10.13
N PRO A 21 0.08 -16.78 10.55
CA PRO A 21 -0.25 -17.09 11.95
C PRO A 21 0.17 -18.49 12.38
N ASP A 22 0.71 -18.58 13.61
CA ASP A 22 1.16 -19.87 14.09
C ASP A 22 0.03 -20.79 14.55
N ASP A 23 -1.16 -20.26 14.81
CA ASP A 23 -2.29 -21.06 15.25
C ASP A 23 -3.20 -21.46 14.09
N LEU A 24 -2.69 -21.44 12.86
CA LEU A 24 -3.46 -21.78 11.68
C LEU A 24 -3.40 -23.28 11.45
N ARG A 25 -4.53 -23.95 11.64
CA ARG A 25 -4.59 -25.41 11.54
C ARG A 25 -4.40 -25.87 10.09
N GLY A 26 -4.28 -27.19 9.93
CA GLY A 26 -4.06 -27.82 8.64
C GLY A 26 -5.01 -27.46 7.53
N ASP A 27 -6.31 -27.71 7.71
CA ASP A 27 -7.29 -27.39 6.68
C ASP A 27 -7.74 -25.93 6.72
N LYS A 28 -7.44 -25.21 7.81
CA LYS A 28 -7.99 -23.88 8.00
C LYS A 28 -7.37 -22.89 7.02
N ARG A 29 -8.17 -21.89 6.63
CA ARG A 29 -7.74 -20.83 5.74
C ARG A 29 -7.97 -19.48 6.41
N ALA A 30 -7.01 -18.59 6.27
CA ALA A 30 -7.05 -17.30 6.91
C ALA A 30 -7.30 -16.20 5.88
N PRO A 31 -7.91 -15.09 6.29
CA PRO A 31 -7.90 -13.89 5.45
C PRO A 31 -6.48 -13.38 5.31
N ALA A 32 -6.27 -12.54 4.29
CA ALA A 32 -4.93 -12.09 3.98
C ALA A 32 -4.91 -10.63 3.57
N ILE A 33 -3.75 -10.01 3.76
CA ILE A 33 -3.51 -8.62 3.39
C ILE A 33 -2.18 -8.50 2.65
N ALA A 34 -2.19 -7.82 1.52
CA ALA A 34 -0.99 -7.42 0.80
C ALA A 34 -0.72 -5.95 1.12
N MET A 35 0.51 -5.65 1.52
CA MET A 35 0.94 -4.31 1.95
C MET A 35 1.86 -3.70 0.90
N PHE A 36 1.58 -2.44 0.52
CA PHE A 36 2.27 -1.73 -0.56
C PHE A 36 3.01 -0.53 0.02
N HIS A 37 4.33 -0.55 -0.10
CA HIS A 37 5.13 0.53 0.46
C HIS A 37 5.12 1.77 -0.42
N GLY A 38 5.74 2.84 0.10
CA GLY A 38 5.75 4.12 -0.56
C GLY A 38 6.96 4.37 -1.46
N PHE A 39 6.95 5.59 -1.99
CA PHE A 39 7.96 6.11 -2.92
C PHE A 39 9.28 6.34 -2.22
N THR A 40 10.31 5.65 -2.70
CA THR A 40 11.63 5.51 -2.10
C THR A 40 11.58 4.73 -0.80
N GLY A 41 10.44 4.10 -0.49
CA GLY A 41 10.34 3.17 0.61
C GLY A 41 10.72 1.75 0.21
N ASN A 42 10.57 0.85 1.18
CA ASN A 42 10.76 -0.58 0.99
C ASN A 42 9.75 -1.29 1.87
N LYS A 43 9.77 -2.62 1.84
CA LYS A 43 8.72 -3.40 2.48
C LYS A 43 8.75 -3.32 4.00
N SER A 44 9.86 -2.90 4.60
CA SER A 44 9.92 -2.69 6.05
C SER A 44 9.33 -1.34 6.44
N GLU A 45 9.49 -0.36 5.54
CA GLU A 45 9.05 1.04 5.67
C GLU A 45 9.65 1.81 6.83
N ALA A 46 9.27 3.09 6.92
CA ALA A 46 9.98 4.03 7.79
C ALA A 46 9.89 3.56 9.21
N HIS A 47 11.03 3.61 9.90
CA HIS A 47 11.18 3.11 11.27
C HIS A 47 10.48 1.76 11.47
N ARG A 48 10.54 0.91 10.42
CA ARG A 48 10.01 -0.47 10.46
C ARG A 48 8.51 -0.45 10.69
N LEU A 49 7.82 0.61 10.26
CA LEU A 49 6.38 0.68 10.44
C LEU A 49 5.65 -0.55 9.90
N PHE A 50 6.00 -0.99 8.68
CA PHE A 50 5.30 -2.13 8.09
C PHE A 50 5.60 -3.45 8.80
N VAL A 51 6.79 -3.56 9.40
CA VAL A 51 7.07 -4.75 10.20
C VAL A 51 6.12 -4.81 11.38
N HIS A 52 5.96 -3.68 12.07
CA HIS A 52 5.08 -3.65 13.23
C HIS A 52 3.62 -3.84 12.82
N VAL A 53 3.20 -3.18 11.75
CA VAL A 53 1.83 -3.35 11.28
C VAL A 53 1.58 -4.82 10.94
N ALA A 54 2.49 -5.42 10.19
CA ALA A 54 2.32 -6.81 9.76
C ALA A 54 2.32 -7.77 10.95
N ARG A 55 3.17 -7.54 11.94
CA ARG A 55 3.15 -8.42 13.11
C ARG A 55 1.82 -8.35 13.84
N SER A 56 1.28 -7.14 13.98
CA SER A 56 0.00 -6.96 14.66
C SER A 56 -1.14 -7.60 13.89
N LEU A 57 -1.17 -7.42 12.56
CA LEU A 57 -2.19 -8.06 11.72
C LEU A 57 -2.10 -9.59 11.78
N CYS A 58 -0.89 -10.11 11.77
CA CYS A 58 -0.72 -11.55 11.86
C CYS A 58 -1.17 -12.09 13.20
N ASN A 59 -0.85 -11.37 14.28
N ASN A 59 -0.87 -11.36 14.28
CA ASN A 59 -1.34 -11.74 15.60
CA ASN A 59 -1.34 -11.74 15.60
C ASN A 59 -2.87 -11.75 15.64
C ASN A 59 -2.86 -11.71 15.68
N ASP A 60 -3.50 -10.87 14.86
CA ASP A 60 -4.94 -10.79 14.73
C ASP A 60 -5.53 -11.86 13.81
N GLY A 61 -4.69 -12.67 13.17
CA GLY A 61 -5.16 -13.81 12.41
C GLY A 61 -5.04 -13.71 10.91
N PHE A 62 -4.41 -12.65 10.38
CA PHE A 62 -4.21 -12.49 8.95
C PHE A 62 -2.89 -13.10 8.50
N VAL A 63 -2.92 -13.68 7.31
CA VAL A 63 -1.70 -13.86 6.53
C VAL A 63 -1.36 -12.50 5.92
N VAL A 64 -0.09 -12.10 6.01
CA VAL A 64 0.33 -10.79 5.54
C VAL A 64 1.51 -10.94 4.60
N LEU A 65 1.41 -10.32 3.42
CA LEU A 65 2.50 -10.31 2.45
C LEU A 65 3.00 -8.89 2.29
N ARG A 66 4.27 -8.67 2.61
CA ARG A 66 4.95 -7.41 2.35
C ARG A 66 6.03 -7.67 1.32
N PHE A 67 6.21 -6.77 0.35
CA PHE A 67 7.20 -7.04 -0.69
C PHE A 67 7.70 -5.71 -1.24
N ASP A 68 8.87 -5.77 -1.85
CA ASP A 68 9.50 -4.63 -2.49
C ASP A 68 8.99 -4.52 -3.92
N PHE A 69 8.45 -3.36 -4.28
CA PHE A 69 8.18 -3.12 -5.68
C PHE A 69 9.45 -3.30 -6.49
N ARG A 70 9.30 -3.70 -7.76
CA ARG A 70 10.46 -3.68 -8.63
C ARG A 70 11.08 -2.28 -8.64
N GLY A 71 12.41 -2.24 -8.55
CA GLY A 71 13.15 -1.00 -8.45
C GLY A 71 13.38 -0.53 -7.02
N SER A 72 12.80 -1.20 -6.05
CA SER A 72 12.91 -0.83 -4.65
C SER A 72 13.47 -1.99 -3.86
N GLY A 73 14.05 -1.67 -2.72
CA GLY A 73 14.53 -2.71 -1.82
C GLY A 73 15.37 -3.75 -2.55
N ASP A 74 15.08 -5.02 -2.28
CA ASP A 74 15.86 -6.14 -2.79
C ASP A 74 15.24 -6.77 -4.01
N SER A 75 14.17 -6.20 -4.53
CA SER A 75 13.64 -6.72 -5.79
C SER A 75 14.51 -6.31 -6.97
N ASP A 76 14.30 -7.00 -8.09
CA ASP A 76 15.03 -6.68 -9.30
C ASP A 76 14.57 -5.31 -9.81
N GLY A 77 15.31 -4.77 -10.77
CA GLY A 77 14.94 -3.53 -11.42
C GLY A 77 15.64 -2.32 -10.80
N GLU A 78 15.67 -1.24 -11.57
CA GLU A 78 16.27 0.02 -11.13
C GLU A 78 15.16 1.00 -10.77
N PHE A 79 15.37 1.74 -9.69
CA PHE A 79 14.34 2.66 -9.23
C PHE A 79 13.97 3.66 -10.32
N GLU A 80 14.94 4.10 -11.10
CA GLU A 80 14.68 5.17 -12.06
C GLU A 80 13.68 4.75 -13.13
N ASP A 81 13.46 3.45 -13.30
CA ASP A 81 12.51 2.92 -14.26
C ASP A 81 11.12 2.71 -13.67
N MET A 82 10.93 3.03 -12.39
N MET A 82 10.94 3.05 -12.39
CA MET A 82 9.67 2.71 -11.75
CA MET A 82 9.67 2.74 -11.72
C MET A 82 8.55 3.61 -12.25
C MET A 82 8.55 3.62 -12.26
N THR A 83 7.34 3.05 -12.32
CA THR A 83 6.15 3.82 -12.63
C THR A 83 5.02 3.33 -11.75
N VAL A 84 4.03 4.19 -11.51
CA VAL A 84 2.85 3.76 -10.77
C VAL A 84 2.17 2.59 -11.46
N PRO A 85 1.93 2.61 -12.78
CA PRO A 85 1.33 1.41 -13.41
C PRO A 85 2.14 0.15 -13.19
N GLY A 86 3.48 0.28 -13.20
CA GLY A 86 4.33 -0.87 -12.94
C GLY A 86 4.15 -1.40 -11.54
N GLU A 87 3.93 -0.51 -10.57
CA GLU A 87 3.66 -0.93 -9.21
C GLU A 87 2.26 -1.53 -9.07
N VAL A 88 1.29 -1.06 -9.86
CA VAL A 88 -0.01 -1.72 -9.89
C VAL A 88 0.12 -3.14 -10.44
N CYS A 89 0.95 -3.32 -11.46
CA CYS A 89 1.23 -4.67 -11.94
C CYS A 89 1.77 -5.54 -10.80
N ASP A 90 2.80 -5.04 -10.11
CA ASP A 90 3.38 -5.79 -8.99
C ASP A 90 2.34 -6.10 -7.93
N ALA A 91 1.51 -5.11 -7.61
CA ALA A 91 0.51 -5.27 -6.56
C ALA A 91 -0.48 -6.36 -6.91
N SER A 92 -0.93 -6.39 -8.18
CA SER A 92 -1.84 -7.43 -8.63
C SER A 92 -1.17 -8.79 -8.53
N ARG A 93 0.12 -8.84 -8.84
CA ARG A 93 0.84 -10.10 -8.75
C ARG A 93 0.90 -10.59 -7.31
N SER A 94 0.96 -9.65 -6.34
CA SER A 94 1.00 -10.06 -4.95
C SER A 94 -0.33 -10.65 -4.53
N ILE A 95 -1.43 -10.21 -5.15
CA ILE A 95 -2.73 -10.83 -4.89
C ILE A 95 -2.78 -12.22 -5.50
N ASP A 96 -2.23 -12.35 -6.71
CA ASP A 96 -2.15 -13.68 -7.30
C ASP A 96 -1.42 -14.63 -6.34
N PHE A 97 -0.30 -14.18 -5.77
CA PHE A 97 0.51 -14.99 -4.88
C PHE A 97 -0.29 -15.46 -3.68
N LEU A 98 -0.98 -14.52 -3.01
CA LEU A 98 -1.80 -14.89 -1.86
C LEU A 98 -2.93 -15.84 -2.25
N SER A 99 -3.51 -15.61 -3.42
CA SER A 99 -4.64 -16.42 -3.87
C SER A 99 -4.26 -17.87 -4.07
N GLU A 100 -2.99 -18.14 -4.37
CA GLU A 100 -2.54 -19.49 -4.65
C GLU A 100 -2.02 -20.23 -3.42
N LEU A 101 -2.01 -19.58 -2.27
CA LEU A 101 -1.62 -20.26 -1.04
C LEU A 101 -2.79 -21.08 -0.51
N ASN A 102 -2.51 -22.35 -0.17
N ASN A 102 -2.56 -22.34 -0.17
CA ASN A 102 -3.56 -23.27 0.30
CA ASN A 102 -3.70 -23.17 0.22
C ASN A 102 -4.22 -22.78 1.57
C ASN A 102 -4.20 -22.86 1.63
N PHE A 103 -3.49 -22.04 2.39
CA PHE A 103 -3.93 -21.67 3.72
C PHE A 103 -4.48 -20.24 3.75
N VAL A 104 -4.69 -19.64 2.57
CA VAL A 104 -5.31 -18.33 2.46
C VAL A 104 -6.71 -18.48 1.89
N ASP A 105 -7.66 -17.78 2.49
CA ASP A 105 -9.03 -17.72 1.99
C ASP A 105 -9.02 -16.74 0.82
N SER A 106 -9.09 -17.28 -0.40
N SER A 106 -9.08 -17.18 -0.38
CA SER A 106 -9.00 -16.47 -1.60
CA SER A 106 -8.99 -16.37 -1.59
C SER A 106 -10.12 -15.46 -1.71
C SER A 106 -10.12 -15.35 -1.69
N GLU A 107 -11.22 -15.65 -0.96
CA GLU A 107 -12.34 -14.71 -0.95
C GLU A 107 -12.27 -13.67 0.17
N ARG A 108 -11.19 -13.64 0.94
CA ARG A 108 -11.01 -12.66 2.02
C ARG A 108 -9.62 -12.03 1.97
N ILE A 109 -9.26 -11.51 0.80
CA ILE A 109 -8.00 -10.80 0.62
C ILE A 109 -8.26 -9.29 0.51
N GLY A 110 -7.48 -8.50 1.24
CA GLY A 110 -7.53 -7.05 1.12
C GLY A 110 -6.13 -6.47 0.99
N VAL A 111 -6.08 -5.14 0.93
CA VAL A 111 -4.82 -4.47 0.65
C VAL A 111 -4.63 -3.29 1.60
N LEU A 112 -3.36 -2.91 1.79
CA LEU A 112 -2.95 -1.82 2.68
C LEU A 112 -1.83 -1.09 1.94
N GLY A 113 -1.93 0.23 1.87
CA GLY A 113 -0.89 0.99 1.20
C GLY A 113 -0.53 2.26 1.90
N LEU A 114 0.76 2.62 1.92
CA LEU A 114 1.24 3.85 2.52
C LEU A 114 1.65 4.84 1.42
N SER A 115 1.03 6.02 1.42
CA SER A 115 1.36 7.15 0.54
C SER A 115 1.32 6.75 -0.93
N MET A 116 2.48 6.70 -1.62
CA MET A 116 2.44 6.23 -3.01
C MET A 116 1.88 4.81 -3.09
N GLY A 117 2.13 3.99 -2.07
CA GLY A 117 1.54 2.65 -2.03
C GLY A 117 0.04 2.67 -1.81
N GLY A 118 -0.45 3.72 -1.14
CA GLY A 118 -1.88 3.95 -1.06
C GLY A 118 -2.46 4.35 -2.38
N ARG A 119 -1.74 5.16 -3.16
CA ARG A 119 -2.14 5.43 -4.53
C ARG A 119 -2.31 4.13 -5.30
N VAL A 120 -1.31 3.24 -5.22
CA VAL A 120 -1.37 1.95 -5.90
C VAL A 120 -2.57 1.14 -5.39
N ALA A 121 -2.75 1.09 -4.06
CA ALA A 121 -3.86 0.33 -3.48
C ALA A 121 -5.20 0.82 -4.02
N ALA A 122 -5.39 2.14 -4.07
CA ALA A 122 -6.66 2.69 -4.53
C ALA A 122 -6.89 2.39 -6.00
N ILE A 123 -5.84 2.52 -6.82
CA ILE A 123 -5.99 2.23 -8.23
C ILE A 123 -6.33 0.77 -8.42
N LEU A 124 -5.60 -0.12 -7.73
CA LEU A 124 -5.85 -1.53 -7.94
C LEU A 124 -7.25 -1.91 -7.46
N ALA A 125 -7.68 -1.35 -6.33
CA ALA A 125 -9.00 -1.65 -5.80
C ALA A 125 -10.12 -1.16 -6.72
N SER A 126 -9.86 -0.12 -7.51
CA SER A 126 -10.88 0.39 -8.42
C SER A 126 -11.12 -0.55 -9.58
N LYS A 127 -10.23 -1.52 -9.78
CA LYS A 127 -10.27 -2.47 -10.89
C LYS A 127 -10.49 -3.92 -10.47
N ASP A 128 -9.89 -4.34 -9.36
CA ASP A 128 -9.68 -5.74 -9.03
C ASP A 128 -10.78 -6.24 -8.11
N ARG A 129 -11.72 -7.06 -8.61
CA ARG A 129 -12.85 -7.60 -7.83
C ARG A 129 -12.35 -8.52 -6.71
N ARG A 130 -11.08 -8.95 -6.71
CA ARG A 130 -10.62 -9.84 -5.65
C ARG A 130 -10.41 -9.09 -4.35
N ILE A 131 -10.27 -7.77 -4.40
CA ILE A 131 -9.95 -6.99 -3.22
C ILE A 131 -11.22 -6.73 -2.41
N LYS A 132 -11.21 -7.14 -1.14
CA LYS A 132 -12.42 -7.14 -0.33
C LYS A 132 -12.42 -6.05 0.72
N PHE A 133 -11.30 -5.36 0.91
CA PHE A 133 -11.21 -4.20 1.80
C PHE A 133 -9.90 -3.49 1.53
N VAL A 134 -9.86 -2.19 1.80
CA VAL A 134 -8.72 -1.33 1.46
C VAL A 134 -8.37 -0.49 2.66
N ILE A 135 -7.08 -0.46 3.01
CA ILE A 135 -6.56 0.35 4.11
C ILE A 135 -5.55 1.32 3.53
N LEU A 136 -5.76 2.61 3.75
CA LEU A 136 -4.93 3.66 3.18
C LEU A 136 -4.30 4.48 4.28
N TYR A 137 -2.97 4.49 4.33
CA TYR A 137 -2.20 5.28 5.29
C TYR A 137 -1.57 6.44 4.54
N SER A 138 -1.84 7.67 4.97
CA SER A 138 -1.15 8.84 4.41
C SER A 138 -1.18 8.80 2.87
N ALA A 139 -2.29 8.34 2.32
CA ALA A 139 -2.36 8.01 0.89
C ALA A 139 -2.31 9.24 -0.01
N ALA A 140 -1.58 9.13 -1.12
CA ALA A 140 -1.49 10.18 -2.14
C ALA A 140 -2.57 9.93 -3.18
N LEU A 141 -3.66 10.65 -3.08
CA LEU A 141 -4.84 10.41 -3.87
C LEU A 141 -5.07 11.44 -4.96
N THR A 142 -4.30 12.51 -4.98
CA THR A 142 -4.52 13.67 -5.84
C THR A 142 -3.48 13.73 -6.94
N PRO A 143 -3.62 14.68 -7.87
CA PRO A 143 -2.62 14.78 -8.94
C PRO A 143 -1.26 15.13 -8.36
N LEU A 144 -0.23 14.48 -8.90
CA LEU A 144 1.13 14.65 -8.41
C LEU A 144 2.16 15.12 -9.46
N ARG A 145 1.83 15.06 -10.75
CA ARG A 145 2.85 15.34 -11.74
C ARG A 145 3.39 16.76 -11.60
N ARG A 146 2.50 17.73 -11.52
CA ARG A 146 2.90 19.15 -11.44
C ARG A 146 3.70 19.37 -10.16
N LYS A 147 3.27 18.83 -9.04
CA LYS A 147 4.00 19.01 -7.78
C LYS A 147 5.40 18.40 -7.87
N PHE A 148 5.53 17.23 -8.50
CA PHE A 148 6.85 16.65 -8.65
C PHE A 148 7.75 17.52 -9.52
N LEU A 149 7.24 17.99 -10.67
CA LEU A 149 8.07 18.82 -11.54
C LEU A 149 8.42 20.16 -10.89
N GLU A 150 7.53 20.69 -10.06
CA GLU A 150 7.80 21.96 -9.40
C GLU A 150 8.99 21.87 -8.44
N GLY A 151 9.37 20.67 -8.05
CA GLY A 151 10.54 20.47 -7.24
C GLY A 151 11.85 20.34 -8.01
N LEU A 152 11.80 20.45 -9.33
CA LEU A 152 12.98 20.32 -10.16
C LEU A 152 13.29 21.62 -10.91
N GLU A 153 14.58 21.86 -11.13
CA GLU A 153 15.01 22.98 -11.95
C GLU A 153 14.60 22.75 -13.39
N LYS A 154 14.39 23.86 -14.12
CA LYS A 154 13.96 23.74 -15.51
C LYS A 154 14.95 22.92 -16.32
N GLU A 155 16.26 23.10 -16.07
CA GLU A 155 17.23 22.35 -16.86
C GLU A 155 17.16 20.87 -16.56
N SER A 156 16.74 20.50 -15.34
CA SER A 156 16.57 19.09 -15.02
C SER A 156 15.34 18.52 -15.72
N ILE A 157 14.27 19.29 -15.80
CA ILE A 157 13.08 18.82 -16.51
C ILE A 157 13.41 18.53 -17.97
N ARG A 158 14.22 19.39 -18.60
CA ARG A 158 14.62 19.13 -19.98
C ARG A 158 15.45 17.85 -20.09
N ARG A 159 16.38 17.64 -19.15
CA ARG A 159 17.14 16.40 -19.18
C ARG A 159 16.25 15.18 -19.01
N LEU A 160 15.23 15.30 -18.15
CA LEU A 160 14.22 14.26 -18.05
C LEU A 160 13.55 14.01 -19.40
N GLU A 161 13.12 15.10 -20.07
CA GLU A 161 12.49 14.97 -21.39
C GLU A 161 13.39 14.24 -22.37
N MET A 162 14.71 14.49 -22.27
N MET A 162 14.70 14.47 -22.26
CA MET A 162 15.68 13.92 -23.17
CA MET A 162 15.67 13.91 -23.18
C MET A 162 16.04 12.49 -22.83
C MET A 162 16.07 12.49 -22.82
N GLY A 163 15.49 11.93 -21.76
CA GLY A 163 15.69 10.54 -21.43
C GLY A 163 16.67 10.26 -20.32
N GLU A 164 17.13 11.28 -19.63
CA GLU A 164 18.04 11.09 -18.51
C GLU A 164 17.28 10.74 -17.24
N ALA A 165 17.95 9.97 -16.38
CA ALA A 165 17.55 9.87 -14.99
C ALA A 165 18.08 11.07 -14.25
N VAL A 166 17.22 11.76 -13.52
CA VAL A 166 17.61 12.97 -12.80
C VAL A 166 17.49 12.73 -11.30
N HIS A 167 18.24 13.52 -10.54
CA HIS A 167 18.23 13.35 -9.08
C HIS A 167 16.95 13.94 -8.53
N VAL A 168 16.26 13.19 -7.68
CA VAL A 168 15.05 13.65 -7.03
C VAL A 168 15.22 13.75 -5.52
N GLY A 169 16.45 13.57 -5.03
CA GLY A 169 16.73 13.75 -3.61
C GLY A 169 17.24 12.50 -2.94
N ASN A 170 18.18 12.69 -2.01
CA ASN A 170 18.66 11.62 -1.12
C ASN A 170 19.23 10.44 -1.88
N GLY A 171 19.74 10.71 -3.09
CA GLY A 171 20.44 9.70 -3.84
C GLY A 171 19.58 8.89 -4.78
N TRP A 172 18.32 9.23 -4.90
CA TRP A 172 17.34 8.56 -5.75
C TRP A 172 17.26 9.31 -7.07
N TYR A 173 17.23 8.56 -8.18
CA TYR A 173 17.17 9.12 -9.52
C TYR A 173 15.95 8.57 -10.24
N LEU A 174 15.36 9.38 -11.13
CA LEU A 174 14.14 8.97 -11.80
C LEU A 174 14.14 9.43 -13.24
N LYS A 175 13.63 8.57 -14.13
CA LYS A 175 13.38 8.89 -15.53
C LYS A 175 11.94 9.38 -15.75
N LYS A 176 11.69 9.83 -16.96
CA LYS A 176 10.46 10.56 -17.22
C LYS A 176 9.24 9.67 -17.16
N GLY A 177 9.38 8.36 -17.36
CA GLY A 177 8.22 7.50 -17.35
C GLY A 177 7.41 7.67 -16.08
N PHE A 178 8.08 7.80 -14.93
CA PHE A 178 7.35 8.01 -13.68
C PHE A 178 6.48 9.26 -13.75
N PHE A 179 7.06 10.37 -14.21
CA PHE A 179 6.35 11.64 -14.24
C PHE A 179 5.23 11.63 -15.26
N GLU A 180 5.41 10.88 -16.35
CA GLU A 180 4.41 10.80 -17.41
C GLU A 180 3.19 10.01 -16.97
N THR A 181 3.34 9.07 -16.02
CA THR A 181 2.24 8.15 -15.71
C THR A 181 1.78 8.20 -14.26
N VAL A 182 2.36 9.07 -13.43
CA VAL A 182 1.94 9.16 -12.04
C VAL A 182 0.49 9.62 -11.94
N ASP A 183 0.02 10.39 -12.93
CA ASP A 183 -1.36 10.83 -13.00
C ASP A 183 -2.16 10.13 -14.10
N SER A 184 -1.67 9.04 -14.68
CA SER A 184 -2.46 8.32 -15.68
C SER A 184 -3.82 7.96 -15.09
N ILE A 185 -3.80 7.42 -13.88
CA ILE A 185 -5.00 7.30 -13.06
C ILE A 185 -4.77 8.08 -11.77
N VAL A 186 -5.59 9.11 -11.54
CA VAL A 186 -5.56 9.84 -10.27
C VAL A 186 -6.61 9.20 -9.37
N PRO A 187 -6.26 8.76 -8.16
CA PRO A 187 -7.22 7.99 -7.37
C PRO A 187 -8.54 8.68 -7.13
N LEU A 188 -8.55 9.99 -6.86
CA LEU A 188 -9.83 10.64 -6.64
C LEU A 188 -10.79 10.42 -7.81
N ASP A 189 -10.26 10.28 -9.03
CA ASP A 189 -11.13 10.11 -10.20
C ASP A 189 -11.77 8.72 -10.28
N VAL A 190 -11.22 7.72 -9.58
CA VAL A 190 -11.76 6.34 -9.63
C VAL A 190 -12.20 5.85 -8.26
N LEU A 191 -12.12 6.67 -7.23
CA LEU A 191 -12.47 6.22 -5.88
C LEU A 191 -13.93 5.77 -5.85
N ASP A 192 -14.82 6.38 -6.63
CA ASP A 192 -16.22 6.00 -6.57
C ASP A 192 -16.50 4.63 -7.20
N ARG A 193 -15.49 3.99 -7.80
CA ARG A 193 -15.65 2.61 -8.24
C ARG A 193 -15.42 1.61 -7.13
N ILE A 194 -14.86 2.01 -5.98
CA ILE A 194 -14.58 1.11 -4.88
C ILE A 194 -15.83 1.02 -4.01
N ARG A 195 -16.41 -0.17 -3.93
CA ARG A 195 -17.62 -0.40 -3.15
C ARG A 195 -17.40 -1.29 -1.95
N VAL A 196 -16.17 -1.72 -1.72
CA VAL A 196 -15.81 -2.53 -0.56
C VAL A 196 -15.39 -1.59 0.56
N PRO A 197 -15.27 -2.08 1.79
CA PRO A 197 -14.90 -1.17 2.88
C PRO A 197 -13.50 -0.62 2.71
N VAL A 198 -13.38 0.69 2.99
CA VAL A 198 -12.14 1.45 2.89
C VAL A 198 -11.89 2.20 4.19
N LEU A 199 -10.69 2.09 4.74
CA LEU A 199 -10.27 2.82 5.92
C LEU A 199 -9.21 3.80 5.44
N ILE A 200 -9.42 5.09 5.72
CA ILE A 200 -8.46 6.15 5.38
C ILE A 200 -7.89 6.68 6.68
N ILE A 201 -6.58 6.60 6.86
CA ILE A 201 -5.90 7.16 8.02
C ILE A 201 -4.91 8.19 7.53
N HIS A 202 -4.96 9.39 8.10
CA HIS A 202 -4.13 10.48 7.62
C HIS A 202 -3.80 11.36 8.81
N GLY A 203 -2.58 11.87 8.85
CA GLY A 203 -2.17 12.79 9.91
C GLY A 203 -2.55 14.22 9.56
N ASP A 204 -2.99 14.98 10.57
CA ASP A 204 -3.30 16.38 10.33
C ASP A 204 -2.06 17.26 10.33
N SER A 205 -0.87 16.68 10.48
CA SER A 205 0.40 17.41 10.40
C SER A 205 1.31 16.78 9.35
N ASP A 206 0.72 16.23 8.30
CA ASP A 206 1.46 15.61 7.21
C ASP A 206 1.93 16.71 6.26
N SER A 207 3.25 16.93 6.23
CA SER A 207 3.81 18.00 5.42
C SER A 207 4.18 17.52 4.02
N VAL A 208 3.97 16.24 3.74
CA VAL A 208 4.25 15.65 2.43
C VAL A 208 3.00 15.53 1.58
N ILE A 209 1.96 14.93 2.13
CA ILE A 209 0.68 14.72 1.45
C ILE A 209 -0.38 15.49 2.25
N PRO A 210 -0.90 16.59 1.73
CA PRO A 210 -1.90 17.37 2.48
C PRO A 210 -3.11 16.55 2.89
N LEU A 211 -3.57 16.79 4.10
CA LEU A 211 -4.77 16.13 4.61
C LEU A 211 -5.96 16.36 3.68
N ASP A 212 -5.96 17.50 2.98
CA ASP A 212 -7.06 17.86 2.08
C ASP A 212 -7.41 16.71 1.15
N GLY A 213 -6.41 15.95 0.69
CA GLY A 213 -6.69 14.90 -0.27
C GLY A 213 -7.45 13.74 0.35
N ALA A 214 -7.13 13.40 1.60
CA ALA A 214 -7.86 12.38 2.32
C ALA A 214 -9.29 12.81 2.62
N LEU A 215 -9.49 14.08 2.97
CA LEU A 215 -10.84 14.59 3.19
C LEU A 215 -11.67 14.51 1.91
N LYS A 216 -11.08 14.90 0.78
CA LYS A 216 -11.80 14.78 -0.49
C LYS A 216 -12.11 13.33 -0.81
N GLY A 217 -11.13 12.45 -0.61
CA GLY A 217 -11.36 11.04 -0.85
C GLY A 217 -12.51 10.50 -0.04
N TYR A 218 -12.52 10.79 1.26
CA TYR A 218 -13.60 10.32 2.12
C TYR A 218 -14.93 10.91 1.68
N GLU A 219 -14.95 12.18 1.28
CA GLU A 219 -16.20 12.78 0.83
C GLU A 219 -16.77 12.00 -0.34
N ILE A 220 -15.91 11.50 -1.23
CA ILE A 220 -16.38 10.77 -2.39
C ILE A 220 -16.99 9.43 -1.97
N ILE A 221 -16.35 8.72 -1.04
CA ILE A 221 -16.70 7.33 -0.80
C ILE A 221 -17.53 7.10 0.45
N ARG A 222 -17.78 8.12 1.26
CA ARG A 222 -18.29 7.86 2.60
C ARG A 222 -19.62 7.13 2.60
N ASP A 223 -20.48 7.33 1.59
CA ASP A 223 -21.75 6.62 1.57
C ASP A 223 -21.80 5.47 0.58
N LEU A 224 -20.64 5.07 0.03
CA LEU A 224 -20.62 3.93 -0.89
C LEU A 224 -20.60 2.61 -0.14
N ASN A 225 -20.12 2.61 1.11
CA ASN A 225 -20.10 1.43 1.95
C ASN A 225 -20.18 1.97 3.38
N ASP A 226 -21.13 1.49 4.16
CA ASP A 226 -21.37 2.08 5.48
C ASP A 226 -20.29 1.73 6.49
N LYS A 227 -19.30 0.94 6.09
CA LYS A 227 -18.12 0.67 6.90
C LYS A 227 -16.96 1.60 6.55
N ASN A 228 -17.10 2.48 5.57
CA ASN A 228 -15.97 3.32 5.21
C ASN A 228 -15.70 4.30 6.34
N GLU A 229 -14.43 4.57 6.62
CA GLU A 229 -14.05 5.36 7.78
C GLU A 229 -12.85 6.24 7.45
N LEU A 230 -12.86 7.44 8.03
CA LEU A 230 -11.73 8.35 7.99
C LEU A 230 -11.30 8.61 9.41
N TYR A 231 -10.03 8.36 9.69
CA TYR A 231 -9.45 8.61 11.00
C TYR A 231 -8.32 9.59 10.84
N ILE A 232 -8.44 10.76 11.47
CA ILE A 232 -7.42 11.79 11.38
C ILE A 232 -6.56 11.71 12.65
N VAL A 233 -5.27 11.43 12.45
CA VAL A 233 -4.34 11.29 13.57
C VAL A 233 -3.89 12.68 13.97
N ARG A 234 -4.36 13.15 15.13
CA ARG A 234 -4.04 14.50 15.58
C ARG A 234 -2.57 14.55 15.94
N GLY A 235 -1.86 15.50 15.35
CA GLY A 235 -0.44 15.61 15.49
C GLY A 235 0.36 14.66 14.63
N GLY A 236 -0.29 13.82 13.83
CA GLY A 236 0.41 12.78 13.10
C GLY A 236 1.10 13.34 11.88
N ASP A 237 2.35 12.92 11.69
CA ASP A 237 3.11 13.32 10.51
C ASP A 237 3.01 12.20 9.49
N HIS A 238 3.72 12.38 8.36
CA HIS A 238 3.48 11.56 7.17
C HIS A 238 3.69 10.08 7.42
N VAL A 239 4.69 9.72 8.24
CA VAL A 239 4.95 8.31 8.52
C VAL A 239 4.80 7.97 10.01
N PHE A 240 4.05 8.80 10.74
CA PHE A 240 3.68 8.50 12.12
C PHE A 240 4.92 8.18 12.96
N THR A 241 5.87 9.13 12.95
N THR A 241 5.84 9.14 12.94
CA THR A 241 7.16 8.87 13.59
CA THR A 241 7.14 8.94 13.57
C THR A 241 7.01 8.69 15.10
C THR A 241 7.01 8.72 15.08
N ARG A 242 6.16 9.48 15.74
CA ARG A 242 6.03 9.36 17.20
C ARG A 242 5.41 8.00 17.52
N ARG A 243 5.98 7.33 18.52
CA ARG A 243 5.54 5.97 18.82
C ARG A 243 4.04 5.89 19.09
N GLU A 244 3.51 6.88 19.82
CA GLU A 244 2.10 6.84 20.17
C GLU A 244 1.23 6.94 18.94
N HIS A 245 1.70 7.64 17.90
CA HIS A 245 0.93 7.71 16.65
C HIS A 245 0.98 6.40 15.86
N THR A 246 2.15 5.76 15.76
CA THR A 246 2.23 4.42 15.19
C THR A 246 1.28 3.46 15.91
N ILE A 247 1.25 3.49 17.24
CA ILE A 247 0.36 2.62 18.00
C ILE A 247 -1.10 2.95 17.69
N GLU A 248 -1.45 4.24 17.67
CA GLU A 248 -2.82 4.64 17.34
C GLU A 248 -3.23 4.13 15.97
N VAL A 249 -2.34 4.23 14.96
CA VAL A 249 -2.65 3.78 13.60
C VAL A 249 -2.91 2.28 13.57
N ILE A 250 -2.07 1.51 14.26
CA ILE A 250 -2.25 0.07 14.32
C ILE A 250 -3.54 -0.27 15.05
N GLU A 251 -3.78 0.37 16.20
CA GLU A 251 -4.99 0.04 16.97
C GLU A 251 -6.24 0.34 16.17
N ARG A 252 -6.27 1.47 15.48
CA ARG A 252 -7.45 1.82 14.69
C ARG A 252 -7.64 0.82 13.56
N THR A 253 -6.53 0.40 12.94
CA THR A 253 -6.62 -0.57 11.86
C THR A 253 -7.19 -1.89 12.37
N LEU A 254 -6.70 -2.39 13.51
CA LEU A 254 -7.21 -3.65 14.03
C LEU A 254 -8.67 -3.55 14.43
N ASP A 255 -9.03 -2.44 15.07
CA ASP A 255 -10.41 -2.23 15.48
C ASP A 255 -11.35 -2.23 14.27
N TRP A 256 -10.97 -1.47 13.24
CA TRP A 256 -11.80 -1.42 12.03
C TRP A 256 -11.93 -2.79 11.39
N LEU A 257 -10.82 -3.53 11.30
CA LEU A 257 -10.88 -4.86 10.72
C LEU A 257 -11.81 -5.76 11.52
N ARG A 258 -11.84 -5.58 12.85
CA ARG A 258 -12.75 -6.37 13.66
C ARG A 258 -14.18 -6.15 13.22
N SER A 259 -14.52 -4.92 12.80
N SER A 259 -14.52 -4.93 12.81
CA SER A 259 -15.88 -4.61 12.39
CA SER A 259 -15.90 -4.64 12.42
C SER A 259 -16.29 -5.36 11.13
C SER A 259 -16.29 -5.32 11.10
N LEU A 260 -15.32 -5.81 10.34
CA LEU A 260 -15.60 -6.51 9.09
C LEU A 260 -15.80 -8.01 9.28
N ASN A 261 -15.52 -8.55 10.46
CA ASN A 261 -15.71 -9.97 10.75
C ASN A 261 -14.98 -10.86 9.77
N LEU A 262 -13.70 -10.56 9.54
CA LEU A 262 -12.88 -11.36 8.63
C LEU A 262 -12.24 -12.56 9.31
N VAL A 263 -11.87 -12.40 10.59
CA VAL A 263 -11.31 -13.47 11.40
C VAL A 263 -12.39 -13.90 12.38
N ASP A 264 -12.47 -15.20 12.63
CA ASP A 264 -13.35 -15.74 13.67
C ASP A 264 -12.53 -16.82 14.39
N LYS A 265 -11.70 -16.40 15.36
CA LYS A 265 -10.88 -17.36 16.08
C LYS A 265 -11.72 -18.23 17.01
N LEU A 266 -12.82 -17.69 17.52
CA LEU A 266 -13.71 -18.49 18.36
C LEU A 266 -14.28 -19.67 17.56
N ALA A 267 -14.79 -19.40 16.36
CA ALA A 267 -15.28 -20.48 15.50
C ALA A 267 -14.15 -21.43 15.12
N ALA A 268 -12.91 -20.92 15.04
CA ALA A 268 -11.79 -21.76 14.66
C ALA A 268 -11.63 -22.93 15.62
N ALA A 269 -11.94 -22.72 16.90
CA ALA A 269 -11.95 -23.81 17.88
C ALA A 269 -12.70 -25.02 17.32
#